data_6RNO
#
_entry.id   6RNO
#
_cell.length_a   91.423
_cell.length_b   91.423
_cell.length_c   140.276
_cell.angle_alpha   90.000
_cell.angle_beta   90.000
_cell.angle_gamma   90.000
#
_symmetry.space_group_name_H-M   'P 41 21 2'
#
loop_
_entity.id
_entity.type
_entity.pdbx_description
1 polymer 'Formamidopyrimidine-DNA glycosylase'
2 polymer "DNA (5'-D(*CP*TP*CP*TP*TP*TP*(3DR)P*TP*TP*TP*CP*TP*CP*G)-3')"
3 polymer "DNA (5'-D(*GP*CP*GP*AP*GP*AP*AP*AP*CP*AP*AP*AP*GP*A)-3')"
4 non-polymer GLYCEROL
5 non-polymer 2-sulfanylidene-1,7-dihydropyrrolo[2,3-d]pyrimidin-4-one
6 water water
#
loop_
_entity_poly.entity_id
_entity_poly.type
_entity_poly.pdbx_seq_one_letter_code
_entity_poly.pdbx_strand_id
1 'polypeptide(L)'
;PELPEVETVRRELEKRIVGQKIISIEATYPRMVLTGFEQLKKELTGKTIQGISRRGKYLIFEIGDDFRLISHLRMEGKYR
LATLDAPREKHDHLTMKFADGQLIYADVRKFGTWELISTDQVLPYFLKKKIGPEPTYEDFDEKLFREKLRKSTKKIKPYL
LEQTLVAGLGNIYVDEVLWLAKIHPEKETNQLIESSIHLLHDSIIEILQKAIKLGGSSIRTYSALGSTGKMQNELQVYGK
TGEKCSRCGAEIQKIKVAGRGTHFCPVCQQK
;
A
2 'polydeoxyribonucleotide' (DC)(DT)(DC)(DT)(DT)(DT)(3DR)(DT)(DT)(DT)(DC)(DT)(DC)(DG) D
3 'polydeoxyribonucleotide' (DG)(DC)(DG)(DA)(DG)(DA)(DA)(DA)(DC)(DA)(DA)(DA)(DG)(DA) E
#
# COMPACT_ATOMS: atom_id res chain seq x y z
N PRO A 1 5.08 1.44 2.98
CA PRO A 1 3.65 1.65 3.23
C PRO A 1 2.78 0.62 2.53
N GLU A 2 1.69 0.27 3.18
CA GLU A 2 0.74 -0.69 2.64
C GLU A 2 -0.55 0.08 2.36
N LEU A 3 -1.61 -0.59 1.94
CA LEU A 3 -2.79 0.15 1.53
C LEU A 3 -3.26 1.17 2.61
N PRO A 4 -3.41 0.76 3.90
CA PRO A 4 -3.86 1.72 4.93
C PRO A 4 -3.03 3.00 5.05
N GLU A 5 -1.71 2.90 4.91
CA GLU A 5 -0.84 4.07 4.99
C GLU A 5 -1.00 4.95 3.75
N VAL A 6 -1.10 4.30 2.59
CA VAL A 6 -1.23 5.04 1.35
C VAL A 6 -2.57 5.74 1.32
N GLU A 7 -3.61 5.09 1.85
CA GLU A 7 -4.93 5.71 1.92
C GLU A 7 -4.93 6.92 2.88
N THR A 8 -4.21 6.82 3.99
CA THR A 8 -4.08 7.95 4.93
C THR A 8 -3.40 9.11 4.21
N VAL A 9 -2.33 8.82 3.47
CA VAL A 9 -1.64 9.84 2.72
C VAL A 9 -2.58 10.48 1.70
N ARG A 10 -3.30 9.64 0.96
CA ARG A 10 -4.26 10.11 0.00
C ARG A 10 -5.26 11.09 0.63
N ARG A 11 -5.77 10.74 1.81
CA ARG A 11 -6.76 11.59 2.44
C ARG A 11 -6.21 12.93 2.88
N GLU A 12 -5.00 12.95 3.44
CA GLU A 12 -4.41 14.22 3.90
C GLU A 12 -4.14 15.12 2.69
N LEU A 13 -3.56 14.55 1.65
CA LEU A 13 -3.28 15.27 0.42
C LEU A 13 -4.55 15.85 -0.21
N GLU A 14 -5.62 15.06 -0.20
CA GLU A 14 -6.87 15.46 -0.80
C GLU A 14 -7.41 16.73 -0.16
N LYS A 15 -7.25 16.84 1.16
CA LYS A 15 -7.77 17.99 1.89
C LYS A 15 -6.89 19.22 1.65
N ARG A 16 -5.66 19.03 1.16
CA ARG A 16 -4.72 20.16 1.06
C ARG A 16 -4.28 20.64 -0.33
N ILE A 17 -4.06 19.75 -1.29
CA ILE A 17 -3.55 20.21 -2.58
C ILE A 17 -4.60 20.20 -3.71
N VAL A 18 -5.79 19.66 -3.47
CA VAL A 18 -6.81 19.66 -4.52
C VAL A 18 -7.25 21.09 -4.78
N GLY A 19 -7.24 21.50 -6.04
CA GLY A 19 -7.55 22.86 -6.40
C GLY A 19 -6.29 23.69 -6.59
N GLN A 20 -5.14 23.12 -6.27
CA GLN A 20 -3.88 23.87 -6.38
C GLN A 20 -3.27 23.78 -7.78
N LYS A 21 -2.91 24.92 -8.33
CA LYS A 21 -2.20 24.98 -9.58
C LYS A 21 -0.70 24.69 -9.36
N ILE A 22 -0.14 23.77 -10.13
CA ILE A 22 1.29 23.44 -10.08
C ILE A 22 2.09 24.56 -10.71
N ILE A 23 2.93 25.24 -9.94
CA ILE A 23 3.64 26.38 -10.49
C ILE A 23 4.89 25.86 -11.18
N SER A 24 5.56 24.90 -10.56
CA SER A 24 6.71 24.26 -11.18
C SER A 24 7.02 22.91 -10.53
N ILE A 25 7.92 22.17 -11.15
CA ILE A 25 8.27 20.84 -10.70
C ILE A 25 9.76 20.68 -10.82
N GLU A 26 10.40 20.13 -9.81
CA GLU A 26 11.85 20.06 -9.80
C GLU A 26 12.28 18.72 -9.31
N ALA A 27 13.43 18.25 -9.78
CA ALA A 27 13.91 16.94 -9.43
C ALA A 27 15.41 16.94 -9.17
N THR A 28 15.85 16.32 -8.09
CA THR A 28 17.26 16.02 -7.92
C THR A 28 17.48 14.54 -8.24
N TYR A 29 16.40 13.78 -8.31
CA TYR A 29 16.52 12.39 -8.74
C TYR A 29 15.50 12.07 -9.85
N PRO A 30 15.70 12.65 -11.05
CA PRO A 30 14.77 12.47 -12.20
C PRO A 30 14.54 11.02 -12.58
N ARG A 31 15.53 10.19 -12.31
CA ARG A 31 15.47 8.76 -12.61
C ARG A 31 14.25 8.03 -12.01
N MET A 32 13.66 8.54 -10.94
CA MET A 32 12.50 7.83 -10.37
C MET A 32 11.21 8.11 -11.17
N VAL A 33 11.29 9.03 -12.13
CA VAL A 33 10.15 9.31 -12.99
C VAL A 33 10.24 8.38 -14.21
N LEU A 34 9.61 7.22 -14.13
CA LEU A 34 9.85 6.15 -15.12
C LEU A 34 9.40 6.52 -16.52
N THR A 35 8.47 7.46 -16.64
CA THR A 35 7.98 7.82 -17.96
C THR A 35 8.74 9.03 -18.52
N GLY A 36 9.70 9.60 -17.77
CA GLY A 36 10.53 10.67 -18.32
C GLY A 36 10.30 12.00 -17.61
N PHE A 37 11.30 12.50 -16.92
CA PHE A 37 11.07 13.68 -16.10
C PHE A 37 10.71 14.92 -16.91
N GLU A 38 11.41 15.15 -18.00
CA GLU A 38 11.16 16.34 -18.81
C GLU A 38 9.75 16.32 -19.37
N GLN A 39 9.28 15.17 -19.82
CA GLN A 39 7.92 15.08 -20.35
C GLN A 39 6.91 15.40 -19.23
N LEU A 40 7.13 14.83 -18.05
CA LEU A 40 6.23 15.10 -16.93
C LEU A 40 6.24 16.58 -16.56
N LYS A 41 7.41 17.18 -16.58
CA LYS A 41 7.53 18.57 -16.22
C LYS A 41 6.78 19.42 -17.24
N LYS A 42 6.90 19.06 -18.52
CA LYS A 42 6.27 19.86 -19.56
C LYS A 42 4.76 19.72 -19.49
N GLU A 43 4.28 18.52 -19.18
CA GLU A 43 2.86 18.27 -19.28
C GLU A 43 2.10 18.81 -18.07
N LEU A 44 2.68 18.68 -16.88
CA LEU A 44 1.93 18.98 -15.65
C LEU A 44 2.07 20.42 -15.16
N THR A 45 3.16 21.10 -15.53
CA THR A 45 3.40 22.49 -15.12
C THR A 45 2.28 23.43 -15.58
N GLY A 46 1.63 24.11 -14.64
CA GLY A 46 0.51 25.00 -14.98
C GLY A 46 -0.86 24.35 -14.86
N LYS A 47 -0.88 23.03 -14.65
CA LYS A 47 -2.11 22.30 -14.43
C LYS A 47 -2.58 22.34 -12.97
N THR A 48 -3.89 22.16 -12.78
CA THR A 48 -4.49 22.18 -11.45
C THR A 48 -4.81 20.76 -10.98
N ILE A 49 -4.47 20.43 -9.74
CA ILE A 49 -4.79 19.12 -9.18
C ILE A 49 -6.29 19.01 -9.00
N GLN A 50 -6.89 17.98 -9.59
CA GLN A 50 -8.33 17.86 -9.54
C GLN A 50 -8.78 16.92 -8.44
N GLY A 51 -7.92 15.99 -8.07
CA GLY A 51 -8.30 14.96 -7.12
C GLY A 51 -7.17 14.01 -6.88
N ILE A 52 -7.35 13.14 -5.89
CA ILE A 52 -6.37 12.12 -5.61
C ILE A 52 -7.07 10.82 -5.33
N SER A 53 -6.69 9.79 -6.05
CA SER A 53 -7.29 8.48 -5.89
C SER A 53 -6.24 7.49 -5.51
N ARG A 54 -6.64 6.22 -5.41
CA ARG A 54 -5.75 5.19 -4.95
C ARG A 54 -6.24 3.86 -5.48
N ARG A 55 -5.33 2.98 -5.83
CA ARG A 55 -5.66 1.63 -6.23
C ARG A 55 -4.57 0.76 -5.63
N GLY A 56 -4.96 -0.23 -4.81
CA GLY A 56 -3.96 -1.00 -4.06
C GLY A 56 -3.05 -0.05 -3.29
N LYS A 57 -1.74 -0.22 -3.41
CA LYS A 57 -0.77 0.68 -2.77
C LYS A 57 -0.36 1.87 -3.67
N TYR A 58 -1.03 2.02 -4.81
CA TYR A 58 -0.69 3.07 -5.78
C TYR A 58 -1.48 4.36 -5.56
N LEU A 59 -0.77 5.46 -5.49
CA LEU A 59 -1.36 6.77 -5.37
C LEU A 59 -1.64 7.30 -6.77
N ILE A 60 -2.76 7.95 -6.97
CA ILE A 60 -3.12 8.43 -8.30
C ILE A 60 -3.53 9.90 -8.28
N PHE A 61 -2.64 10.78 -8.72
CA PHE A 61 -2.95 12.21 -8.75
C PHE A 61 -3.70 12.52 -10.04
N GLU A 62 -4.87 13.14 -9.94
CA GLU A 62 -5.65 13.53 -11.10
C GLU A 62 -5.34 14.98 -11.38
N ILE A 63 -4.66 15.23 -12.48
CA ILE A 63 -4.01 16.52 -12.72
C ILE A 63 -4.36 16.98 -14.10
N GLY A 64 -5.21 17.99 -14.20
CA GLY A 64 -5.85 18.34 -15.45
C GLY A 64 -6.82 17.23 -15.81
N ASP A 65 -7.52 17.39 -16.92
CA ASP A 65 -8.56 16.43 -17.28
C ASP A 65 -7.97 15.16 -17.87
N ASP A 66 -6.78 15.26 -18.45
CA ASP A 66 -6.25 14.19 -19.31
C ASP A 66 -4.96 13.55 -18.81
N PHE A 67 -4.53 13.85 -17.59
CA PHE A 67 -3.39 13.16 -17.03
C PHE A 67 -3.56 12.67 -15.61
N ARG A 68 -2.88 11.58 -15.33
CA ARG A 68 -2.85 11.02 -14.00
C ARG A 68 -1.41 10.81 -13.72
N LEU A 69 -1.02 11.09 -12.49
CA LEU A 69 0.31 10.80 -12.07
C LEU A 69 0.22 9.63 -11.07
N ILE A 70 0.77 8.48 -11.47
CA ILE A 70 0.73 7.29 -10.63
C ILE A 70 2.02 7.24 -9.80
N SER A 71 1.86 7.39 -8.49
CA SER A 71 2.99 7.43 -7.56
C SER A 71 2.95 6.20 -6.67
N HIS A 72 4.07 5.48 -6.60
CA HIS A 72 4.21 4.35 -5.68
C HIS A 72 5.30 4.68 -4.65
N LEU A 73 5.07 4.39 -3.37
CA LEU A 73 5.97 4.84 -2.29
C LEU A 73 6.98 3.74 -1.93
N ARG A 74 6.72 2.57 -2.49
CA ARG A 74 7.47 1.36 -2.24
C ARG A 74 7.80 1.17 -0.76
N MET A 75 9.08 1.08 -0.39
CA MET A 75 9.34 0.67 0.99
C MET A 75 9.37 1.84 1.98
N GLU A 76 9.83 3.00 1.55
CA GLU A 76 10.06 4.10 2.47
C GLU A 76 9.75 5.49 1.94
N GLY A 77 8.99 5.56 0.85
CA GLY A 77 8.59 6.84 0.30
C GLY A 77 7.80 7.65 1.29
N LYS A 78 8.01 8.95 1.26
CA LYS A 78 7.37 9.89 2.18
C LYS A 78 7.08 11.19 1.47
N TYR A 79 5.85 11.66 1.61
CA TYR A 79 5.47 12.99 1.16
C TYR A 79 5.37 13.96 2.32
N ARG A 80 5.69 15.22 2.06
CA ARG A 80 5.38 16.25 3.03
C ARG A 80 5.06 17.59 2.34
N LEU A 81 4.25 18.39 2.99
CA LEU A 81 3.93 19.73 2.49
C LEU A 81 4.77 20.76 3.22
N ALA A 82 5.50 21.58 2.49
CA ALA A 82 6.41 22.53 3.13
C ALA A 82 6.25 23.93 2.58
N THR A 83 6.69 24.93 3.34
CA THR A 83 6.75 26.29 2.82
C THR A 83 7.75 26.33 1.66
N LEU A 84 7.69 27.39 0.86
CA LEU A 84 8.54 27.49 -0.32
C LEU A 84 10.02 27.67 0.03
N ASP A 85 10.30 28.27 1.17
CA ASP A 85 11.68 28.50 1.57
C ASP A 85 12.26 27.36 2.42
N ALA A 86 11.53 26.25 2.52
CA ALA A 86 12.03 25.09 3.27
C ALA A 86 13.33 24.58 2.65
N PRO A 87 14.29 24.20 3.51
CA PRO A 87 15.59 23.67 3.09
C PRO A 87 15.49 22.24 2.58
N ARG A 88 16.36 21.89 1.62
CA ARG A 88 16.36 20.54 1.05
C ARG A 88 16.93 19.58 2.07
N GLU A 89 16.31 18.41 2.23
CA GLU A 89 16.87 17.38 3.06
C GLU A 89 17.48 16.32 2.18
N LYS A 90 18.40 15.56 2.78
CA LYS A 90 19.28 14.63 2.05
C LYS A 90 18.56 13.63 1.13
N HIS A 91 17.40 13.11 1.51
CA HIS A 91 16.78 12.16 0.61
C HIS A 91 15.51 12.68 -0.09
N ASP A 92 15.42 14.00 -0.23
CA ASP A 92 14.37 14.62 -1.03
C ASP A 92 14.70 14.41 -2.49
N HIS A 93 13.74 13.99 -3.31
CA HIS A 93 14.07 13.72 -4.70
C HIS A 93 13.29 14.58 -5.68
N LEU A 94 12.09 14.96 -5.30
CA LEU A 94 11.19 15.64 -6.21
C LEU A 94 10.43 16.67 -5.44
N THR A 95 10.08 17.76 -6.10
CA THR A 95 9.16 18.67 -5.48
C THR A 95 8.20 19.23 -6.51
N MET A 96 6.97 19.34 -6.07
CA MET A 96 5.90 19.93 -6.86
C MET A 96 5.59 21.26 -6.17
N LYS A 97 5.82 22.38 -6.84
CA LYS A 97 5.68 23.68 -6.18
C LYS A 97 4.38 24.36 -6.50
N PHE A 98 3.72 24.86 -5.46
CA PHE A 98 2.49 25.61 -5.62
C PHE A 98 2.78 27.07 -5.37
N ALA A 99 1.74 27.90 -5.39
CA ALA A 99 1.93 29.32 -5.14
C ALA A 99 2.26 29.59 -3.68
N ASP A 100 1.91 28.68 -2.78
CA ASP A 100 1.94 28.98 -1.36
C ASP A 100 2.52 27.83 -0.54
N GLY A 101 3.24 26.94 -1.20
CA GLY A 101 3.86 25.81 -0.55
C GLY A 101 4.32 24.79 -1.58
N GLN A 102 4.82 23.66 -1.14
CA GLN A 102 5.35 22.67 -2.05
C GLN A 102 5.16 21.27 -1.50
N LEU A 103 4.98 20.32 -2.41
CA LEU A 103 4.83 18.93 -2.07
C LEU A 103 6.15 18.24 -2.40
N ILE A 104 6.81 17.72 -1.38
CA ILE A 104 8.13 17.12 -1.52
C ILE A 104 8.04 15.62 -1.36
N TYR A 105 8.60 14.87 -2.29
CA TYR A 105 8.76 13.43 -2.13
C TYR A 105 10.17 13.05 -1.69
N ALA A 106 10.28 12.27 -0.62
CA ALA A 106 11.56 11.82 -0.13
C ALA A 106 11.53 10.31 -0.05
N ASP A 107 12.66 9.66 -0.27
CA ASP A 107 12.72 8.19 -0.29
C ASP A 107 14.16 7.72 -0.08
N VAL A 108 14.50 7.33 1.13
CA VAL A 108 15.87 6.95 1.44
C VAL A 108 16.41 5.92 0.46
N ARG A 109 15.61 4.90 0.15
CA ARG A 109 16.13 3.78 -0.61
C ARG A 109 15.97 3.99 -2.12
N LYS A 110 15.32 5.10 -2.50
CA LYS A 110 15.07 5.45 -3.91
C LYS A 110 14.26 4.38 -4.67
N PHE A 111 13.35 3.68 -4.02
CA PHE A 111 12.57 2.65 -4.73
C PHE A 111 11.34 3.26 -5.38
N GLY A 112 10.75 4.28 -4.73
CA GLY A 112 9.50 4.87 -5.20
C GLY A 112 9.53 5.37 -6.64
N THR A 113 8.37 5.42 -7.28
CA THR A 113 8.31 5.75 -8.68
C THR A 113 7.20 6.71 -9.00
N TRP A 114 7.40 7.52 -10.04
CA TRP A 114 6.33 8.32 -10.63
C TRP A 114 6.13 7.89 -12.06
N GLU A 115 4.88 7.84 -12.48
CA GLU A 115 4.57 7.55 -13.87
C GLU A 115 3.45 8.42 -14.35
N LEU A 116 3.73 9.17 -15.40
CA LEU A 116 2.71 9.96 -16.07
C LEU A 116 1.95 9.10 -17.07
N ILE A 117 0.64 8.99 -16.94
CA ILE A 117 -0.13 8.30 -17.97
C ILE A 117 -1.47 9.02 -18.20
N SER A 118 -2.01 8.88 -19.40
CA SER A 118 -3.22 9.61 -19.71
C SER A 118 -4.42 8.96 -19.04
N THR A 119 -5.45 9.76 -18.81
CA THR A 119 -6.64 9.29 -18.11
C THR A 119 -7.21 8.00 -18.66
N ASP A 120 -7.36 7.86 -19.98
CA ASP A 120 -7.97 6.63 -20.49
C ASP A 120 -6.99 5.43 -20.47
N GLN A 121 -5.77 5.65 -19.99
CA GLN A 121 -4.81 4.55 -19.82
C GLN A 121 -4.69 4.04 -18.39
N VAL A 122 -5.40 4.66 -17.46
CA VAL A 122 -5.29 4.23 -16.06
C VAL A 122 -5.84 2.84 -15.82
N LEU A 123 -7.05 2.56 -16.27
CA LEU A 123 -7.58 1.20 -16.11
C LEU A 123 -6.69 0.16 -16.82
N PRO A 124 -6.31 0.39 -18.10
CA PRO A 124 -5.35 -0.57 -18.73
C PRO A 124 -4.03 -0.74 -17.93
N TYR A 125 -3.53 0.34 -17.35
CA TYR A 125 -2.31 0.23 -16.52
C TYR A 125 -2.49 -0.81 -15.42
N PHE A 126 -3.65 -0.81 -14.79
CA PHE A 126 -3.83 -1.69 -13.66
C PHE A 126 -4.22 -3.10 -14.08
N LEU A 127 -4.97 -3.21 -15.18
CA LEU A 127 -5.26 -4.52 -15.78
C LEU A 127 -3.98 -5.25 -16.18
N LYS A 128 -3.03 -4.54 -16.76
CA LYS A 128 -1.78 -5.17 -17.18
C LYS A 128 -1.00 -5.72 -15.96
N LYS A 129 -1.11 -5.05 -14.81
CA LYS A 129 -0.48 -5.51 -13.57
C LYS A 129 -1.29 -6.61 -12.89
N LYS A 130 -2.47 -6.89 -13.42
CA LYS A 130 -3.34 -7.91 -12.85
C LYS A 130 -3.63 -7.65 -11.38
N ILE A 131 -3.65 -6.38 -10.98
CA ILE A 131 -4.01 -6.01 -9.61
C ILE A 131 -5.44 -6.50 -9.24
N GLY A 132 -5.57 -7.21 -8.12
CA GLY A 132 -6.86 -7.74 -7.69
C GLY A 132 -7.84 -6.69 -7.17
N PRO A 133 -8.97 -7.13 -6.63
CA PRO A 133 -9.98 -6.16 -6.16
C PRO A 133 -9.56 -5.42 -4.90
N GLU A 134 -10.14 -4.24 -4.70
CA GLU A 134 -9.96 -3.52 -3.42
C GLU A 134 -10.54 -4.37 -2.26
N PRO A 135 -9.88 -4.31 -1.09
CA PRO A 135 -10.34 -5.06 0.09
C PRO A 135 -11.58 -4.43 0.74
N THR A 136 -12.71 -4.49 0.05
CA THR A 136 -14.00 -4.07 0.58
C THR A 136 -15.03 -5.16 0.34
N TYR A 137 -16.13 -5.14 1.08
CA TYR A 137 -17.18 -6.12 0.88
C TYR A 137 -17.77 -6.03 -0.52
N GLU A 138 -17.90 -4.83 -1.07
CA GLU A 138 -18.54 -4.66 -2.38
C GLU A 138 -17.65 -5.13 -3.54
N ASP A 139 -16.34 -5.04 -3.39
CA ASP A 139 -15.42 -5.34 -4.50
C ASP A 139 -14.77 -6.72 -4.43
N PHE A 140 -14.45 -7.16 -3.21
CA PHE A 140 -13.71 -8.40 -2.97
C PHE A 140 -14.70 -9.57 -2.91
N ASP A 141 -14.95 -10.17 -4.07
CA ASP A 141 -15.88 -11.29 -4.20
C ASP A 141 -15.24 -12.57 -3.65
N GLU A 142 -15.83 -13.11 -2.58
CA GLU A 142 -15.30 -14.31 -1.96
C GLU A 142 -15.31 -15.53 -2.89
N LYS A 143 -16.30 -15.63 -3.77
CA LYS A 143 -16.44 -16.79 -4.65
C LYS A 143 -15.27 -16.94 -5.62
N LEU A 144 -14.89 -15.83 -6.25
CA LEU A 144 -13.74 -15.82 -7.17
C LEU A 144 -12.47 -16.09 -6.39
N PHE A 145 -12.36 -15.42 -5.25
CA PHE A 145 -11.26 -15.62 -4.31
C PHE A 145 -11.09 -17.13 -4.07
N ARG A 146 -12.19 -17.78 -3.69
CA ARG A 146 -12.18 -19.20 -3.36
C ARG A 146 -11.70 -20.05 -4.55
N GLU A 147 -12.24 -19.80 -5.73
CA GLU A 147 -11.80 -20.53 -6.91
C GLU A 147 -10.32 -20.33 -7.25
N LYS A 148 -9.81 -19.11 -7.08
CA LYS A 148 -8.38 -18.91 -7.34
C LYS A 148 -7.51 -19.70 -6.37
N LEU A 149 -7.86 -19.66 -5.08
CA LEU A 149 -7.16 -20.43 -4.04
C LEU A 149 -7.15 -21.94 -4.37
N ARG A 150 -8.27 -22.46 -4.84
CA ARG A 150 -8.33 -23.89 -5.06
CA ARG A 150 -8.43 -23.88 -5.14
C ARG A 150 -7.53 -24.34 -6.29
N LYS A 151 -7.23 -23.44 -7.21
CA LYS A 151 -6.47 -23.80 -8.40
C LYS A 151 -4.95 -23.78 -8.21
N SER A 152 -4.50 -23.19 -7.12
CA SER A 152 -3.08 -22.96 -6.94
C SER A 152 -2.44 -23.88 -5.89
N THR A 153 -1.15 -24.18 -6.07
CA THR A 153 -0.40 -24.86 -5.01
C THR A 153 0.61 -23.91 -4.34
N LYS A 154 0.41 -22.62 -4.54
CA LYS A 154 1.24 -21.60 -3.87
C LYS A 154 0.96 -21.55 -2.37
N LYS A 155 1.96 -21.08 -1.62
CA LYS A 155 1.79 -20.79 -0.21
C LYS A 155 0.92 -19.56 -0.05
N ILE A 156 0.01 -19.56 0.93
CA ILE A 156 -0.95 -18.47 1.05
C ILE A 156 -0.31 -17.09 1.30
N LYS A 157 0.75 -17.00 2.12
CA LYS A 157 1.31 -15.67 2.37
C LYS A 157 1.92 -15.03 1.09
N PRO A 158 2.88 -15.70 0.41
CA PRO A 158 3.40 -15.07 -0.81
C PRO A 158 2.29 -14.84 -1.88
N TYR A 159 1.30 -15.73 -1.96
CA TYR A 159 0.23 -15.52 -2.96
C TYR A 159 -0.54 -14.24 -2.63
N LEU A 160 -0.93 -14.06 -1.37
CA LEU A 160 -1.60 -12.82 -0.98
C LEU A 160 -0.73 -11.57 -1.27
N LEU A 161 0.58 -11.69 -1.10
CA LEU A 161 1.48 -10.55 -1.32
C LEU A 161 1.57 -10.18 -2.80
N GLU A 162 1.16 -11.09 -3.68
CA GLU A 162 1.27 -10.81 -5.12
C GLU A 162 0.30 -9.74 -5.63
N GLN A 163 -0.69 -9.33 -4.82
CA GLN A 163 -1.62 -8.24 -5.14
C GLN A 163 -2.71 -8.64 -6.13
N THR A 164 -2.73 -9.92 -6.54
CA THR A 164 -3.67 -10.37 -7.59
C THR A 164 -4.94 -11.04 -7.04
N LEU A 165 -4.86 -11.62 -5.84
CA LEU A 165 -6.06 -12.17 -5.19
C LEU A 165 -6.89 -11.03 -4.63
N VAL A 166 -6.17 -10.01 -4.18
CA VAL A 166 -6.72 -8.84 -3.52
C VAL A 166 -5.60 -7.82 -3.38
N ALA A 167 -5.96 -6.54 -3.47
CA ALA A 167 -4.96 -5.49 -3.54
C ALA A 167 -4.67 -4.92 -2.17
N GLY A 168 -3.40 -4.65 -1.87
CA GLY A 168 -3.10 -3.77 -0.75
C GLY A 168 -2.42 -4.36 0.47
N LEU A 169 -2.36 -5.69 0.56
CA LEU A 169 -1.66 -6.32 1.67
C LEU A 169 -0.16 -6.26 1.45
N GLY A 170 0.57 -5.92 2.50
CA GLY A 170 2.01 -6.09 2.52
C GLY A 170 2.40 -6.90 3.74
N ASN A 171 3.69 -6.87 4.09
CA ASN A 171 4.22 -7.80 5.06
C ASN A 171 3.55 -7.68 6.42
N ILE A 172 3.34 -6.45 6.87
CA ILE A 172 2.69 -6.23 8.17
C ILE A 172 1.26 -6.78 8.18
N TYR A 173 0.42 -6.35 7.26
CA TYR A 173 -0.98 -6.72 7.38
C TYR A 173 -1.23 -8.15 6.91
N VAL A 174 -0.39 -8.70 6.03
CA VAL A 174 -0.58 -10.11 5.69
C VAL A 174 -0.29 -10.98 6.95
N ASP A 175 0.70 -10.60 7.77
CA ASP A 175 0.98 -11.40 8.96
C ASP A 175 -0.19 -11.25 9.96
N GLU A 176 -0.71 -10.04 10.09
CA GLU A 176 -1.82 -9.79 11.03
C GLU A 176 -3.05 -10.57 10.61
N VAL A 177 -3.35 -10.53 9.31
CA VAL A 177 -4.50 -11.22 8.72
C VAL A 177 -4.42 -12.73 8.92
N LEU A 178 -3.25 -13.32 8.66
CA LEU A 178 -3.10 -14.75 8.81
C LEU A 178 -3.19 -15.17 10.28
N TRP A 179 -2.80 -14.27 11.20
CA TRP A 179 -2.93 -14.58 12.62
C TRP A 179 -4.41 -14.56 12.95
N LEU A 180 -5.09 -13.52 12.50
CA LEU A 180 -6.51 -13.39 12.80
C LEU A 180 -7.32 -14.54 12.19
N ALA A 181 -6.95 -15.01 11.01
CA ALA A 181 -7.69 -16.09 10.37
C ALA A 181 -7.18 -17.48 10.79
N LYS A 182 -6.25 -17.51 11.74
CA LYS A 182 -5.66 -18.76 12.22
C LYS A 182 -5.16 -19.62 11.05
N ILE A 183 -4.41 -19.03 10.14
CA ILE A 183 -3.85 -19.81 9.04
C ILE A 183 -2.32 -19.72 8.99
N HIS A 184 -1.69 -20.86 8.72
CA HIS A 184 -0.25 -20.91 8.62
C HIS A 184 0.22 -20.23 7.33
N PRO A 185 1.19 -19.31 7.43
CA PRO A 185 1.71 -18.57 6.26
C PRO A 185 2.17 -19.48 5.11
N GLU A 186 2.58 -20.70 5.40
CA GLU A 186 3.02 -21.60 4.33
C GLU A 186 1.95 -22.62 3.91
N LYS A 187 0.71 -22.40 4.35
CA LYS A 187 -0.42 -23.25 3.96
C LYS A 187 -0.61 -23.19 2.45
N GLU A 188 -0.59 -24.33 1.78
CA GLU A 188 -0.82 -24.32 0.34
C GLU A 188 -2.30 -23.98 0.06
N THR A 189 -2.57 -23.05 -0.85
CA THR A 189 -3.91 -22.50 -0.96
C THR A 189 -4.96 -23.57 -1.34
N ASN A 190 -4.58 -24.60 -2.08
CA ASN A 190 -5.59 -25.58 -2.49
C ASN A 190 -6.02 -26.54 -1.38
N GLN A 191 -5.41 -26.42 -0.19
CA GLN A 191 -5.80 -27.24 0.96
C GLN A 191 -6.72 -26.44 1.88
N LEU A 192 -6.86 -25.15 1.59
CA LEU A 192 -7.75 -24.33 2.42
C LEU A 192 -9.18 -24.78 2.22
N ILE A 193 -9.88 -25.06 3.31
CA ILE A 193 -11.28 -25.42 3.18
C ILE A 193 -12.16 -24.17 3.18
N GLU A 194 -13.40 -24.33 2.76
CA GLU A 194 -14.29 -23.21 2.50
C GLU A 194 -14.40 -22.25 3.69
N SER A 195 -14.60 -22.79 4.89
CA SER A 195 -14.79 -21.97 6.08
C SER A 195 -13.56 -21.14 6.43
N SER A 196 -12.37 -21.71 6.21
CA SER A 196 -11.14 -20.95 6.44
C SER A 196 -11.05 -19.84 5.40
N ILE A 197 -11.41 -20.14 4.16
CA ILE A 197 -11.32 -19.10 3.12
C ILE A 197 -12.26 -17.94 3.45
N HIS A 198 -13.44 -18.29 3.92
CA HIS A 198 -14.42 -17.31 4.39
C HIS A 198 -13.85 -16.40 5.49
N LEU A 199 -13.27 -16.99 6.53
CA LEU A 199 -12.68 -16.21 7.62
C LEU A 199 -11.52 -15.36 7.09
N LEU A 200 -10.71 -15.96 6.21
CA LEU A 200 -9.58 -15.24 5.64
C LEU A 200 -10.04 -14.01 4.87
N HIS A 201 -11.09 -14.21 4.08
CA HIS A 201 -11.69 -13.16 3.28
C HIS A 201 -12.15 -11.98 4.15
N ASP A 202 -12.91 -12.27 5.20
CA ASP A 202 -13.49 -11.24 6.04
C ASP A 202 -12.41 -10.55 6.85
N SER A 203 -11.39 -11.31 7.26
CA SER A 203 -10.33 -10.77 8.09
C SER A 203 -9.47 -9.77 7.28
N ILE A 204 -9.28 -10.08 6.00
CA ILE A 204 -8.52 -9.19 5.11
C ILE A 204 -9.22 -7.86 5.09
N ILE A 205 -10.54 -7.90 4.90
CA ILE A 205 -11.31 -6.67 4.83
C ILE A 205 -11.33 -5.94 6.17
N GLU A 206 -11.56 -6.68 7.24
CA GLU A 206 -11.72 -6.07 8.56
C GLU A 206 -10.39 -5.45 9.05
N ILE A 207 -9.28 -6.18 8.92
CA ILE A 207 -7.98 -5.62 9.32
C ILE A 207 -7.61 -4.35 8.52
N LEU A 208 -7.82 -4.38 7.21
CA LEU A 208 -7.39 -3.26 6.39
C LEU A 208 -8.25 -2.02 6.66
N GLN A 209 -9.53 -2.24 6.89
CA GLN A 209 -10.46 -1.14 7.14
C GLN A 209 -10.21 -0.55 8.53
N LYS A 210 -9.93 -1.41 9.49
CA LYS A 210 -9.55 -0.93 10.81
C LYS A 210 -8.27 -0.09 10.75
N ALA A 211 -7.26 -0.58 10.05
CA ALA A 211 -5.99 0.15 9.95
C ALA A 211 -6.18 1.51 9.30
N ILE A 212 -7.06 1.58 8.30
CA ILE A 212 -7.41 2.85 7.66
C ILE A 212 -8.04 3.82 8.67
N LYS A 213 -8.99 3.33 9.46
CA LYS A 213 -9.66 4.17 10.44
C LYS A 213 -8.66 4.69 11.48
N LEU A 214 -7.67 3.88 11.82
CA LEU A 214 -6.69 4.29 12.82
C LEU A 214 -5.55 5.06 12.16
N GLY A 215 -5.69 5.34 10.86
CA GLY A 215 -4.71 6.14 10.15
C GLY A 215 -3.37 5.48 9.88
N GLY A 216 -3.35 4.16 9.76
CA GLY A 216 -2.15 3.44 9.42
C GLY A 216 -1.20 3.17 10.58
N SER A 217 -0.12 2.46 10.27
CA SER A 217 0.93 2.16 11.24
C SER A 217 2.14 3.05 11.02
N SER A 218 2.72 3.52 12.12
CA SER A 218 3.87 4.41 12.02
C SER A 218 4.97 3.95 12.96
N ILE A 219 6.06 3.44 12.38
CA ILE A 219 7.13 2.83 13.15
C ILE A 219 8.37 3.74 13.26
N ALA A 224 6.08 14.63 7.76
CA ALA A 224 5.61 13.68 6.76
C ALA A 224 4.13 13.34 6.94
N LEU A 225 3.41 13.30 5.82
CA LEU A 225 2.02 12.89 5.81
C LEU A 225 1.90 11.44 6.20
N GLY A 226 0.85 11.11 6.96
CA GLY A 226 0.61 9.74 7.39
C GLY A 226 1.50 9.30 8.54
N SER A 227 2.06 10.26 9.27
CA SER A 227 2.96 9.94 10.37
C SER A 227 2.25 9.94 11.73
N THR A 228 0.94 10.17 11.74
CA THR A 228 0.19 10.18 12.99
C THR A 228 -0.75 8.97 13.13
N GLY A 229 -0.31 7.83 12.61
CA GLY A 229 -1.09 6.60 12.66
C GLY A 229 -1.04 5.90 14.01
N LYS A 230 -2.10 5.18 14.34
CA LYS A 230 -2.22 4.52 15.61
C LYS A 230 -2.36 3.01 15.48
N MET A 231 -2.35 2.49 14.26
CA MET A 231 -2.56 1.07 14.05
C MET A 231 -1.42 0.23 14.65
N GLN A 232 -0.23 0.81 14.75
CA GLN A 232 0.92 0.07 15.26
C GLN A 232 0.67 -0.44 16.68
N ASN A 233 -0.21 0.24 17.40
CA ASN A 233 -0.56 -0.14 18.76
C ASN A 233 -1.54 -1.30 18.81
N GLU A 234 -2.03 -1.72 17.65
CA GLU A 234 -2.99 -2.79 17.59
C GLU A 234 -2.42 -4.05 16.96
N LEU A 235 -1.18 -3.96 16.48
CA LEU A 235 -0.53 -5.10 15.84
C LEU A 235 -0.44 -6.26 16.82
N GLN A 236 -0.73 -7.46 16.35
CA GLN A 236 -0.77 -8.61 17.24
C GLN A 236 0.45 -9.49 17.05
N VAL A 237 1.04 -9.49 15.87
CA VAL A 237 2.19 -10.36 15.66
C VAL A 237 3.38 -9.70 14.95
N TYR A 238 3.13 -8.75 14.03
CA TYR A 238 4.24 -8.24 13.23
C TYR A 238 5.28 -7.53 14.11
N GLY A 239 6.54 -7.96 14.02
CA GLY A 239 7.66 -7.33 14.71
C GLY A 239 7.70 -7.61 16.21
N LYS A 240 6.88 -8.55 16.65
CA LYS A 240 6.72 -8.84 18.08
C LYS A 240 7.29 -10.20 18.47
N THR A 241 8.34 -10.62 17.78
CA THR A 241 9.02 -11.90 18.05
C THR A 241 9.29 -12.07 19.53
N GLY A 242 9.02 -13.26 20.04
CA GLY A 242 9.40 -13.61 21.40
C GLY A 242 8.35 -13.21 22.41
N GLU A 243 7.45 -12.30 22.02
CA GLU A 243 6.37 -11.87 22.89
C GLU A 243 5.21 -12.85 22.81
N LYS A 244 4.31 -12.81 23.78
CA LYS A 244 3.22 -13.77 23.85
C LYS A 244 2.15 -13.52 22.78
N CYS A 245 1.55 -14.60 22.25
CA CYS A 245 0.38 -14.55 21.37
C CYS A 245 -0.87 -14.14 22.15
N SER A 246 -1.77 -13.39 21.52
CA SER A 246 -2.98 -12.91 22.22
C SER A 246 -4.16 -13.89 22.05
N ARG A 247 -3.86 -15.10 21.59
CA ARG A 247 -4.86 -16.16 21.50
C ARG A 247 -4.46 -17.34 22.39
N CYS A 248 -3.16 -17.49 22.64
CA CYS A 248 -2.67 -18.50 23.57
C CYS A 248 -1.34 -18.09 24.20
N GLY A 249 -0.95 -18.80 25.26
CA GLY A 249 0.25 -18.48 26.03
C GLY A 249 1.58 -18.77 25.34
N ALA A 250 1.54 -18.98 24.04
CA ALA A 250 2.74 -19.22 23.25
C ALA A 250 3.42 -17.91 22.88
N GLU A 251 4.61 -18.01 22.28
CA GLU A 251 5.36 -16.85 21.84
C GLU A 251 5.32 -16.72 20.32
N ILE A 252 5.36 -15.49 19.84
CA ILE A 252 5.48 -15.19 18.42
C ILE A 252 6.79 -15.72 17.91
N GLN A 253 6.75 -16.46 16.81
CA GLN A 253 7.97 -16.95 16.19
C GLN A 253 8.21 -16.18 14.90
N LYS A 254 9.46 -16.10 14.46
CA LYS A 254 9.75 -15.41 13.21
C LYS A 254 10.46 -16.34 12.25
N ILE A 255 9.97 -16.45 11.03
CA ILE A 255 10.65 -17.29 10.06
C ILE A 255 10.79 -16.57 8.71
N LYS A 256 11.49 -17.19 7.78
CA LYS A 256 11.59 -16.65 6.44
C LYS A 256 10.63 -17.44 5.53
N VAL A 257 9.77 -16.70 4.83
CA VAL A 257 8.85 -17.31 3.89
C VAL A 257 8.96 -16.58 2.56
N ALA A 258 9.41 -17.31 1.53
CA ALA A 258 9.58 -16.79 0.18
C ALA A 258 10.21 -15.42 0.25
N GLY A 259 11.27 -15.33 1.03
CA GLY A 259 12.07 -14.13 1.16
C GLY A 259 11.65 -13.14 2.21
N ARG A 260 10.47 -13.28 2.77
CA ARG A 260 9.98 -12.24 3.68
C ARG A 260 10.08 -12.68 5.13
N GLY A 261 10.41 -11.74 6.00
CA GLY A 261 10.34 -11.95 7.43
C GLY A 261 8.90 -12.24 7.80
N THR A 262 8.66 -13.30 8.56
CA THR A 262 7.31 -13.77 8.77
C THR A 262 7.01 -14.07 10.23
N HIS A 263 6.04 -13.36 10.79
CA HIS A 263 5.72 -13.47 12.19
C HIS A 263 4.41 -14.19 12.39
N PHE A 264 4.42 -15.26 13.18
CA PHE A 264 3.21 -16.02 13.37
C PHE A 264 3.23 -16.75 14.70
N CYS A 265 2.04 -17.15 15.09
CA CYS A 265 1.77 -17.86 16.31
C CYS A 265 1.54 -19.35 15.96
N PRO A 266 2.58 -20.19 16.10
CA PRO A 266 2.61 -21.63 15.78
C PRO A 266 1.40 -22.39 16.27
N VAL A 267 1.03 -22.16 17.52
CA VAL A 267 0.01 -22.97 18.16
C VAL A 267 -1.39 -22.70 17.58
N CYS A 268 -1.63 -21.45 17.19
CA CYS A 268 -2.91 -21.03 16.65
CA CYS A 268 -2.92 -21.05 16.64
C CYS A 268 -2.90 -21.03 15.12
N GLN A 269 -1.75 -21.31 14.52
CA GLN A 269 -1.63 -21.29 13.07
C GLN A 269 -0.99 -22.54 12.48
N GLN A 270 -1.46 -23.71 12.89
CA GLN A 270 -1.01 -24.94 12.27
C GLN A 270 -1.72 -25.11 10.92
N LYS A 271 -1.03 -25.75 9.98
CA LYS A 271 -1.63 -26.25 8.77
C LYS A 271 -2.79 -27.20 9.07
#